data_7ZCA
#
_entry.id   7ZCA
#
_cell.length_a   93.589
_cell.length_b   93.589
_cell.length_c   111.152
_cell.angle_alpha   90.000
_cell.angle_beta   90.000
_cell.angle_gamma   120.000
#
_symmetry.space_group_name_H-M   'P 32 2 1'
#
loop_
_entity.id
_entity.type
_entity.pdbx_description
1 polymer 'Putative dehydrogenase/oxygenase subunit (Flavoprotein)'
2 non-polymer phenylsulfinylmethylbenzene
3 non-polymer 'FLAVIN-ADENINE DINUCLEOTIDE'
4 non-polymer 'ACETATE ION'
5 water water
#
_entity_poly.entity_id   1
_entity_poly.type   'polypeptide(L)'
_entity_poly.pdbx_seq_one_letter_code
;MGHHHHHHHHHHSSGHIEGRHMKRIAIVGAGQSGLQLGLGLLAAGYEVTMFSNRTGEDIRRGKVMSSQCMFDTSLQIERD
LGLDHWASDCPTVDGIGLAVPHPEQKGAKVIDWAARLNASAQSVDQRLKIPAWMDEFQKKGGELVFKDAGIDELEACTQS
HDLTLVASGKGEISKLFERDAHKSPYDKPQRALALTYVKGMAPREPFSAVCMNLIPGVGEYAVFPALTTTGPCEIMVFEG
VPGGPMDCWADVKTPEEHLARSKWILDTFTPWEAERCKDIELTDDNGILAGRFAPTVRKPVATLPSGRKVLGLADVVVLN
DPITGQGSNNAAKCADTYLKSILARGDGAADAAWMQQTFDRYWFGYAQWVTQWTNMLLAPPPPHVLNLLGSAGAVPPLAS
AFANGFDDPRTFFPWFADAAESERYIATCAAVA
;
_entity_poly.pdbx_strand_id   A
#
loop_
_chem_comp.id
_chem_comp.type
_chem_comp.name
_chem_comp.formula
ACT non-polymer 'ACETATE ION' 'C2 H3 O2 -1'
FAD non-polymer 'FLAVIN-ADENINE DINUCLEOTIDE' 'C27 H33 N9 O15 P2'
IKF non-polymer phenylsulfinylmethylbenzene 'C13 H12 O S'
#
# COMPACT_ATOMS: atom_id res chain seq x y z
N LYS A 23 29.68 -4.71 -7.69
CA LYS A 23 29.25 -3.56 -6.93
C LYS A 23 28.50 -2.53 -7.80
N ARG A 24 28.07 -2.94 -8.99
CA ARG A 24 27.18 -2.15 -9.83
C ARG A 24 25.80 -2.80 -9.86
N ILE A 25 24.77 -2.03 -9.52
CA ILE A 25 23.39 -2.50 -9.48
C ILE A 25 22.55 -1.63 -10.41
N ALA A 26 21.69 -2.27 -11.19
CA ALA A 26 20.71 -1.60 -12.03
C ALA A 26 19.31 -1.86 -11.48
N ILE A 27 18.46 -0.83 -11.52
CA ILE A 27 17.07 -0.93 -11.07
C ILE A 27 16.21 -0.30 -12.14
N VAL A 28 15.23 -1.04 -12.67
CA VAL A 28 14.29 -0.53 -13.65
C VAL A 28 12.98 -0.17 -12.94
N GLY A 29 12.66 1.11 -12.91
CA GLY A 29 11.47 1.60 -12.23
C GLY A 29 11.77 2.47 -11.03
N ALA A 30 11.52 3.77 -11.16
CA ALA A 30 11.78 4.76 -10.11
C ALA A 30 10.52 4.98 -9.27
N GLY A 31 10.24 4.02 -8.40
CA GLY A 31 9.09 4.08 -7.52
C GLY A 31 9.52 3.95 -6.07
N GLN A 32 8.58 3.70 -5.16
CA GLN A 32 8.90 3.67 -3.73
C GLN A 32 10.01 2.66 -3.43
N SER A 33 9.80 1.39 -3.82
CA SER A 33 10.78 0.37 -3.44
C SER A 33 12.09 0.58 -4.19
N GLY A 34 12.01 0.89 -5.48
CA GLY A 34 13.23 1.01 -6.27
C GLY A 34 14.11 2.14 -5.79
N LEU A 35 13.51 3.28 -5.45
CA LEU A 35 14.31 4.42 -4.98
C LEU A 35 14.82 4.21 -3.56
N GLN A 36 14.00 3.63 -2.68
CA GLN A 36 14.50 3.35 -1.34
C GLN A 36 15.72 2.45 -1.39
N LEU A 37 15.63 1.37 -2.18
CA LEU A 37 16.74 0.45 -2.35
C LEU A 37 17.93 1.13 -2.97
N GLY A 38 17.72 1.88 -4.07
CA GLY A 38 18.83 2.55 -4.73
C GLY A 38 19.55 3.52 -3.80
N LEU A 39 18.79 4.29 -3.01
CA LEU A 39 19.40 5.23 -2.08
C LEU A 39 20.19 4.51 -0.98
N GLY A 40 19.64 3.39 -0.49
CA GLY A 40 20.37 2.62 0.50
C GLY A 40 21.65 2.02 -0.06
N LEU A 41 21.60 1.58 -1.32
CA LEU A 41 22.79 1.03 -1.96
C LEU A 41 23.85 2.08 -2.16
N LEU A 42 23.46 3.29 -2.59
CA LEU A 42 24.43 4.36 -2.76
C LEU A 42 25.12 4.69 -1.45
N ALA A 43 24.34 4.73 -0.36
CA ALA A 43 24.89 5.04 0.96
C ALA A 43 25.90 3.97 1.40
N ALA A 44 25.74 2.73 0.93
CA ALA A 44 26.66 1.65 1.22
C ALA A 44 27.82 1.57 0.23
N GLY A 45 27.94 2.52 -0.68
CA GLY A 45 29.06 2.57 -1.59
C GLY A 45 28.90 1.86 -2.91
N TYR A 46 27.69 1.42 -3.27
CA TYR A 46 27.48 0.78 -4.54
C TYR A 46 27.30 1.84 -5.64
N GLU A 47 27.56 1.44 -6.87
CA GLU A 47 27.16 2.23 -8.04
C GLU A 47 25.78 1.75 -8.47
N VAL A 48 24.86 2.68 -8.71
CA VAL A 48 23.48 2.32 -9.01
C VAL A 48 23.04 3.04 -10.28
N THR A 49 22.52 2.28 -11.23
CA THR A 49 21.84 2.81 -12.42
C THR A 49 20.34 2.59 -12.25
N MET A 50 19.56 3.63 -12.50
CA MET A 50 18.12 3.53 -12.39
C MET A 50 17.44 4.06 -13.64
N PHE A 51 16.44 3.34 -14.12
CA PHE A 51 15.64 3.75 -15.27
C PHE A 51 14.29 4.31 -14.78
N SER A 52 13.95 5.51 -15.25
CA SER A 52 12.63 6.09 -14.99
C SER A 52 11.91 6.34 -16.30
N ASN A 53 10.61 6.02 -16.35
CA ASN A 53 9.78 6.31 -17.50
C ASN A 53 9.05 7.64 -17.40
N ARG A 54 9.31 8.43 -16.35
CA ARG A 54 8.73 9.77 -16.25
C ARG A 54 9.74 10.73 -15.64
N THR A 55 9.57 12.02 -15.95
CA THR A 55 10.34 13.05 -15.29
C THR A 55 9.76 13.30 -13.88
N GLY A 56 10.60 13.83 -13.00
CA GLY A 56 10.15 14.14 -11.65
C GLY A 56 8.98 15.10 -11.63
N GLU A 57 9.05 16.15 -12.45
CA GLU A 57 8.01 17.17 -12.43
C GLU A 57 6.69 16.61 -12.94
N ASP A 58 6.74 15.76 -13.97
CA ASP A 58 5.51 15.17 -14.45
C ASP A 58 4.88 14.25 -13.40
N ILE A 59 5.69 13.60 -12.57
CA ILE A 59 5.13 12.82 -11.45
C ILE A 59 4.48 13.75 -10.44
N ARG A 60 5.17 14.86 -10.10
CA ARG A 60 4.65 15.80 -9.11
C ARG A 60 3.28 16.32 -9.50
N ARG A 61 3.08 16.60 -10.80
CA ARG A 61 1.88 17.28 -11.27
C ARG A 61 0.87 16.36 -11.93
N GLY A 62 1.17 15.07 -12.01
CA GLY A 62 0.30 14.10 -12.63
C GLY A 62 -0.71 13.54 -11.65
N LYS A 63 -1.35 12.43 -12.05
CA LYS A 63 -2.39 11.86 -11.21
C LYS A 63 -1.80 11.21 -9.96
N VAL A 64 -2.59 11.20 -8.88
CA VAL A 64 -2.21 10.45 -7.68
C VAL A 64 -2.12 8.97 -8.04
N MET A 65 -1.31 8.24 -7.26
CA MET A 65 -1.02 6.83 -7.50
C MET A 65 -1.44 5.90 -6.39
N SER A 66 -1.78 6.44 -5.22
CA SER A 66 -1.86 5.65 -4.01
C SER A 66 -2.49 6.52 -2.92
N SER A 67 -2.85 5.88 -1.81
CA SER A 67 -3.14 6.61 -0.58
C SER A 67 -2.06 6.39 0.49
N GLN A 68 -1.12 5.46 0.23
CA GLN A 68 0.19 5.30 0.86
C GLN A 68 0.21 5.61 2.37
N CYS A 69 -0.74 5.07 3.07
CA CYS A 69 -0.72 5.10 4.54
C CYS A 69 0.35 4.13 5.08
N MET A 70 1.46 4.67 5.61
CA MET A 70 2.57 3.86 6.09
C MET A 70 2.61 3.85 7.60
N PHE A 71 2.64 2.65 8.17
CA PHE A 71 2.63 2.47 9.62
C PHE A 71 4.05 2.53 10.18
N ASP A 72 4.16 2.48 11.52
CA ASP A 72 5.41 2.87 12.17
C ASP A 72 6.61 2.03 11.72
N THR A 73 6.44 0.73 11.54
CA THR A 73 7.61 -0.09 11.19
C THR A 73 8.17 0.33 9.85
N SER A 74 7.29 0.58 8.87
CA SER A 74 7.73 1.07 7.55
C SER A 74 8.32 2.46 7.65
N LEU A 75 7.66 3.35 8.40
CA LEU A 75 8.22 4.70 8.57
C LEU A 75 9.63 4.64 9.14
N GLN A 76 9.87 3.70 10.06
CA GLN A 76 11.17 3.60 10.71
C GLN A 76 12.27 3.14 9.76
N ILE A 77 11.93 2.25 8.82
CA ILE A 77 12.85 1.88 7.74
C ILE A 77 13.33 3.13 7.00
N GLU A 78 12.40 4.03 6.70
CA GLU A 78 12.77 5.27 6.03
C GLU A 78 13.61 6.16 6.94
N ARG A 79 13.21 6.29 8.21
CA ARG A 79 13.98 7.09 9.16
C ARG A 79 15.42 6.60 9.23
N ASP A 80 15.60 5.28 9.27
CA ASP A 80 16.93 4.71 9.47
C ASP A 80 17.83 4.94 8.26
N LEU A 81 17.25 5.22 7.10
CA LEU A 81 18.00 5.59 5.91
C LEU A 81 18.12 7.10 5.75
N GLY A 82 17.57 7.87 6.69
CA GLY A 82 17.57 9.32 6.60
C GLY A 82 16.65 9.88 5.54
N LEU A 83 15.60 9.16 5.20
CA LEU A 83 14.74 9.53 4.07
C LEU A 83 13.37 10.06 4.51
N ASP A 84 13.17 10.29 5.81
CA ASP A 84 11.90 10.79 6.31
C ASP A 84 11.84 12.31 6.20
N HIS A 85 11.86 12.80 4.97
CA HIS A 85 12.00 14.24 4.75
C HIS A 85 10.73 15.01 5.06
N TRP A 86 9.57 14.36 5.20
CA TRP A 86 8.31 15.07 5.41
C TRP A 86 7.72 14.77 6.78
N ALA A 87 8.50 14.21 7.68
CA ALA A 87 7.97 13.73 8.94
C ALA A 87 7.36 14.85 9.75
N SER A 88 7.96 16.03 9.70
CA SER A 88 7.45 17.16 10.48
C SER A 88 6.21 17.80 9.86
N ASP A 89 6.16 17.87 8.54
CA ASP A 89 5.06 18.52 7.86
C ASP A 89 3.86 17.61 7.62
N CYS A 90 4.03 16.29 7.60
CA CYS A 90 2.92 15.43 7.29
C CYS A 90 2.04 15.22 8.53
N PRO A 91 0.74 15.40 8.43
CA PRO A 91 -0.14 15.10 9.57
C PRO A 91 0.05 13.65 10.01
N THR A 92 0.00 13.42 11.32
CA THR A 92 0.07 12.05 11.79
C THR A 92 -1.32 11.41 11.79
N VAL A 93 -1.33 10.09 11.59
CA VAL A 93 -2.53 9.25 11.68
C VAL A 93 -2.37 8.42 12.94
N ASP A 94 -3.21 8.67 13.91
CA ASP A 94 -2.93 8.22 15.28
C ASP A 94 -3.79 7.06 15.74
N GLY A 95 -4.63 6.52 14.88
CA GLY A 95 -5.43 5.38 15.25
C GLY A 95 -6.15 4.79 14.06
N ILE A 96 -7.00 3.83 14.36
CA ILE A 96 -7.86 3.19 13.37
C ILE A 96 -9.27 3.17 13.95
N GLY A 97 -10.25 3.44 13.11
CA GLY A 97 -11.64 3.30 13.51
C GLY A 97 -12.40 2.41 12.55
N LEU A 98 -13.45 1.80 13.06
CA LEU A 98 -14.31 0.95 12.25
C LEU A 98 -15.76 1.28 12.58
N ALA A 99 -16.54 1.52 11.52
CA ALA A 99 -17.98 1.72 11.62
C ALA A 99 -18.70 0.82 10.62
N VAL A 100 -19.88 0.33 11.03
CA VAL A 100 -20.76 -0.46 10.17
C VAL A 100 -22.17 0.10 10.27
N PRO A 101 -22.85 0.37 9.15
CA PRO A 101 -24.22 0.91 9.21
C PRO A 101 -25.18 -0.03 9.92
N HIS A 102 -26.13 0.56 10.64
CA HIS A 102 -27.16 -0.24 11.31
C HIS A 102 -28.22 -0.64 10.30
N PRO A 103 -28.52 -1.93 10.14
CA PRO A 103 -29.52 -2.32 9.13
C PRO A 103 -30.93 -1.85 9.47
N GLU A 104 -31.25 -1.65 10.75
CA GLU A 104 -32.60 -1.34 11.18
C GLU A 104 -32.79 0.04 11.80
N GLN A 105 -31.75 0.89 11.83
CA GLN A 105 -31.88 2.26 12.31
C GLN A 105 -31.26 3.15 11.24
N LYS A 106 -32.07 4.01 10.64
CA LYS A 106 -31.63 4.81 9.50
C LYS A 106 -30.55 5.80 9.92
N GLY A 107 -29.44 5.81 9.18
CA GLY A 107 -28.40 6.78 9.40
C GLY A 107 -27.54 6.52 10.62
N ALA A 108 -27.74 5.41 11.30
CA ALA A 108 -26.99 5.05 12.49
C ALA A 108 -26.01 3.94 12.18
N LYS A 109 -25.15 3.66 13.16
CA LYS A 109 -24.16 2.59 13.07
C LYS A 109 -24.45 1.55 14.13
N VAL A 110 -24.32 0.27 13.74
CA VAL A 110 -24.42 -0.83 14.69
C VAL A 110 -23.07 -1.19 15.29
N ILE A 111 -21.99 -0.83 14.61
CA ILE A 111 -20.63 -0.95 15.11
C ILE A 111 -19.97 0.39 14.89
N ASP A 112 -19.29 0.92 15.93
CA ASP A 112 -18.59 2.21 15.81
C ASP A 112 -17.56 2.26 16.93
N TRP A 113 -16.28 2.02 16.59
CA TRP A 113 -15.23 2.02 17.60
C TRP A 113 -13.93 2.53 16.97
N ALA A 114 -12.97 2.80 17.86
CA ALA A 114 -11.66 3.27 17.43
C ALA A 114 -10.64 2.78 18.45
N ALA A 115 -9.38 2.74 18.03
CA ALA A 115 -8.27 2.34 18.88
C ALA A 115 -7.04 3.11 18.44
N ARG A 116 -6.22 3.50 19.39
CA ARG A 116 -5.00 4.23 19.06
C ARG A 116 -3.94 3.29 18.55
N LEU A 117 -3.18 3.77 17.58
CA LEU A 117 -1.96 3.10 17.16
C LEU A 117 -0.86 3.35 18.19
N ASN A 118 -0.04 2.32 18.42
CA ASN A 118 1.02 2.50 19.41
C ASN A 118 2.01 3.56 18.96
N ALA A 119 2.21 3.71 17.64
CA ALA A 119 2.99 4.81 17.09
C ALA A 119 2.30 5.29 15.81
N SER A 120 2.49 6.56 15.48
CA SER A 120 1.80 7.22 14.39
C SER A 120 2.09 6.57 13.03
N ALA A 121 1.08 6.57 12.18
CA ALA A 121 1.24 6.35 10.74
C ALA A 121 1.25 7.68 10.00
N GLN A 122 1.74 7.65 8.75
CA GLN A 122 1.80 8.87 7.95
C GLN A 122 1.62 8.50 6.48
N SER A 123 0.94 9.40 5.75
CA SER A 123 0.71 9.21 4.30
C SER A 123 1.29 10.42 3.56
N VAL A 124 2.47 10.25 2.99
CA VAL A 124 3.15 11.25 2.18
C VAL A 124 2.93 10.91 0.71
N ASP A 125 2.17 11.75 0.01
CA ASP A 125 1.88 11.54 -1.42
C ASP A 125 3.12 11.12 -2.19
N GLN A 126 3.01 10.02 -2.91
CA GLN A 126 4.08 9.59 -3.80
C GLN A 126 4.43 10.67 -4.83
N ARG A 127 3.47 11.55 -5.16
CA ARG A 127 3.79 12.68 -6.05
C ARG A 127 4.83 13.60 -5.46
N LEU A 128 4.93 13.68 -4.13
CA LEU A 128 5.97 14.44 -3.46
C LEU A 128 7.21 13.59 -3.27
N LYS A 129 7.03 12.38 -2.75
CA LYS A 129 8.16 11.58 -2.27
C LYS A 129 9.03 11.08 -3.42
N ILE A 130 8.41 10.46 -4.45
CA ILE A 130 9.21 9.82 -5.51
C ILE A 130 10.05 10.86 -6.24
N PRO A 131 9.53 12.02 -6.65
CA PRO A 131 10.40 12.99 -7.34
C PRO A 131 11.51 13.54 -6.43
N ALA A 132 11.22 13.79 -5.14
CA ALA A 132 12.27 14.24 -4.22
C ALA A 132 13.35 13.18 -4.04
N TRP A 133 12.94 11.91 -3.99
CA TRP A 133 13.94 10.85 -3.86
C TRP A 133 14.73 10.66 -5.15
N MET A 134 14.11 10.89 -6.31
CA MET A 134 14.87 10.90 -7.56
C MET A 134 15.93 11.98 -7.55
N ASP A 135 15.58 13.19 -7.05
CA ASP A 135 16.57 14.26 -6.93
C ASP A 135 17.71 13.84 -6.00
N GLU A 136 17.37 13.28 -4.84
CA GLU A 136 18.40 12.87 -3.90
C GLU A 136 19.28 11.78 -4.52
N PHE A 137 18.67 10.83 -5.23
CA PHE A 137 19.41 9.75 -5.88
C PHE A 137 20.48 10.30 -6.82
N GLN A 138 20.12 11.31 -7.64
CA GLN A 138 21.13 11.94 -8.49
C GLN A 138 22.19 12.66 -7.65
N LYS A 139 21.76 13.41 -6.64
CA LYS A 139 22.70 14.16 -5.82
C LYS A 139 23.71 13.24 -5.15
N LYS A 140 23.28 12.05 -4.76
CA LYS A 140 24.13 11.09 -4.07
C LYS A 140 24.96 10.24 -5.03
N GLY A 141 24.92 10.52 -6.33
CA GLY A 141 25.77 9.83 -7.28
C GLY A 141 25.13 8.75 -8.10
N GLY A 142 23.83 8.52 -7.97
CA GLY A 142 23.17 7.56 -8.82
C GLY A 142 23.08 8.05 -10.25
N GLU A 143 23.07 7.09 -11.16
CA GLU A 143 22.95 7.35 -12.60
C GLU A 143 21.49 7.12 -13.00
N LEU A 144 20.76 8.22 -13.19
CA LEU A 144 19.35 8.16 -13.55
C LEU A 144 19.23 8.24 -15.07
N VAL A 145 18.64 7.23 -15.66
CA VAL A 145 18.48 7.12 -17.11
C VAL A 145 17.00 7.20 -17.43
N PHE A 146 16.62 8.07 -18.38
CA PHE A 146 15.22 8.31 -18.68
C PHE A 146 14.86 7.58 -19.95
N LYS A 147 14.04 6.54 -19.80
CA LYS A 147 13.54 5.74 -20.91
C LYS A 147 12.46 4.80 -20.38
N ASP A 148 11.48 4.55 -21.21
CA ASP A 148 10.50 3.49 -20.99
C ASP A 148 11.19 2.17 -21.28
N ALA A 149 11.68 1.51 -20.23
CA ALA A 149 12.58 0.39 -20.40
C ALA A 149 11.82 -0.86 -20.84
N GLY A 150 12.47 -1.65 -21.69
CA GLY A 150 11.92 -2.90 -22.15
C GLY A 150 12.97 -3.98 -22.07
N ILE A 151 12.74 -5.09 -22.78
CA ILE A 151 13.67 -6.22 -22.74
C ILE A 151 15.08 -5.79 -23.16
N ASP A 152 15.17 -4.91 -24.16
CA ASP A 152 16.50 -4.53 -24.62
C ASP A 152 17.31 -3.90 -23.52
N GLU A 153 16.68 -3.05 -22.69
CA GLU A 153 17.39 -2.41 -21.60
C GLU A 153 17.80 -3.43 -20.55
N LEU A 154 16.94 -4.42 -20.29
CA LEU A 154 17.27 -5.46 -19.32
C LEU A 154 18.44 -6.31 -19.81
N GLU A 155 18.46 -6.63 -21.11
CA GLU A 155 19.60 -7.36 -21.67
C GLU A 155 20.89 -6.55 -21.54
N ALA A 156 20.83 -5.23 -21.78
CA ALA A 156 22.02 -4.40 -21.63
C ALA A 156 22.46 -4.29 -20.18
N CYS A 157 21.50 -4.04 -19.28
CA CYS A 157 21.82 -3.91 -17.88
C CYS A 157 22.48 -5.18 -17.35
N THR A 158 21.95 -6.35 -17.73
CA THR A 158 22.50 -7.59 -17.18
C THR A 158 23.91 -7.90 -17.72
N GLN A 159 24.36 -7.25 -18.80
CA GLN A 159 25.76 -7.42 -19.18
C GLN A 159 26.69 -6.46 -18.47
N SER A 160 26.21 -5.30 -18.03
CA SER A 160 27.09 -4.29 -17.44
C SER A 160 26.97 -4.17 -15.93
N HIS A 161 26.07 -4.91 -15.30
CA HIS A 161 25.87 -4.79 -13.86
C HIS A 161 25.88 -6.17 -13.21
N ASP A 162 26.24 -6.20 -11.93
CA ASP A 162 26.30 -7.45 -11.18
C ASP A 162 24.89 -7.95 -10.83
N LEU A 163 23.92 -7.04 -10.72
CA LEU A 163 22.54 -7.41 -10.41
C LEU A 163 21.62 -6.39 -11.05
N THR A 164 20.53 -6.87 -11.65
CA THR A 164 19.49 -6.02 -12.24
C THR A 164 18.16 -6.42 -11.61
N LEU A 165 17.47 -5.42 -11.02
CA LEU A 165 16.14 -5.58 -10.43
C LEU A 165 15.10 -4.84 -11.26
N VAL A 166 13.91 -5.39 -11.31
CA VAL A 166 12.75 -4.73 -11.90
C VAL A 166 11.83 -4.31 -10.76
N ALA A 167 11.61 -3.01 -10.65
CA ALA A 167 10.84 -2.41 -9.57
C ALA A 167 9.75 -1.53 -10.16
N SER A 168 9.06 -2.05 -11.17
CA SER A 168 8.20 -1.28 -12.04
C SER A 168 6.74 -1.30 -11.61
N GLY A 169 6.43 -1.79 -10.40
CA GLY A 169 5.06 -1.68 -9.91
C GLY A 169 4.08 -2.39 -10.81
N LYS A 170 3.00 -1.68 -11.17
CA LYS A 170 1.95 -2.21 -12.04
C LYS A 170 2.22 -1.95 -13.52
N GLY A 171 3.43 -1.52 -13.86
CA GLY A 171 3.78 -1.34 -15.26
C GLY A 171 3.71 -2.63 -16.05
N GLU A 172 3.55 -2.50 -17.37
CA GLU A 172 3.39 -3.67 -18.23
C GLU A 172 4.61 -4.60 -18.16
N ILE A 173 5.81 -4.04 -18.02
CA ILE A 173 7.00 -4.89 -18.01
C ILE A 173 6.98 -5.86 -16.84
N SER A 174 6.22 -5.57 -15.79
CA SER A 174 6.13 -6.49 -14.67
C SER A 174 5.63 -7.87 -15.09
N LYS A 175 4.91 -7.96 -16.21
CA LYS A 175 4.37 -9.25 -16.63
C LYS A 175 5.42 -10.16 -17.24
N LEU A 176 6.66 -9.69 -17.35
CA LEU A 176 7.77 -10.57 -17.72
C LEU A 176 7.95 -11.69 -16.70
N PHE A 177 7.61 -11.43 -15.44
CA PHE A 177 7.73 -12.45 -14.39
C PHE A 177 6.50 -13.33 -14.40
N GLU A 178 6.72 -14.62 -14.19
CA GLU A 178 5.66 -15.60 -14.35
C GLU A 178 4.69 -15.56 -13.18
N ARG A 179 3.39 -15.48 -13.48
CA ARG A 179 2.39 -15.53 -12.42
C ARG A 179 2.50 -16.82 -11.63
N ASP A 180 2.48 -16.71 -10.30
CA ASP A 180 2.54 -17.85 -9.39
C ASP A 180 1.11 -18.24 -9.03
N ALA A 181 0.56 -19.22 -9.74
CA ALA A 181 -0.85 -19.56 -9.56
C ALA A 181 -1.13 -20.07 -8.14
N HIS A 182 -0.19 -20.81 -7.56
CA HIS A 182 -0.48 -21.36 -6.25
C HIS A 182 -0.52 -20.29 -5.17
N LYS A 183 0.20 -19.18 -5.35
CA LYS A 183 0.18 -18.09 -4.37
C LYS A 183 -0.85 -17.02 -4.71
N SER A 184 -1.62 -17.21 -5.79
CA SER A 184 -2.55 -16.21 -6.32
C SER A 184 -3.95 -16.82 -6.39
N PRO A 185 -4.74 -16.72 -5.31
CA PRO A 185 -6.10 -17.30 -5.34
C PRO A 185 -7.04 -16.59 -6.31
N TYR A 186 -6.74 -15.36 -6.68
CA TYR A 186 -7.64 -14.59 -7.52
C TYR A 186 -6.97 -14.36 -8.88
N ASP A 187 -7.78 -14.41 -9.95
CA ASP A 187 -7.32 -13.99 -11.27
C ASP A 187 -8.16 -12.86 -11.86
N LYS A 188 -9.01 -12.24 -11.07
CA LYS A 188 -9.82 -11.10 -11.46
C LYS A 188 -9.82 -10.06 -10.34
N PRO A 189 -10.03 -8.78 -10.68
CA PRO A 189 -10.18 -7.76 -9.63
C PRO A 189 -11.29 -8.15 -8.67
N GLN A 190 -11.06 -7.90 -7.38
CA GLN A 190 -12.07 -8.18 -6.37
C GLN A 190 -12.75 -6.91 -5.85
N ARG A 191 -12.22 -5.74 -6.20
CA ARG A 191 -12.81 -4.46 -5.86
C ARG A 191 -12.59 -3.45 -6.99
N ALA A 192 -13.58 -2.58 -7.16
CA ALA A 192 -13.46 -1.37 -7.95
C ALA A 192 -12.95 -0.25 -7.06
N LEU A 193 -11.85 0.37 -7.45
CA LEU A 193 -11.14 1.33 -6.62
C LEU A 193 -11.34 2.77 -7.09
N ALA A 194 -11.32 3.67 -6.13
CA ALA A 194 -11.19 5.10 -6.41
C ALA A 194 -10.53 5.82 -5.24
N LEU A 195 -9.79 6.87 -5.58
CA LEU A 195 -9.22 7.81 -4.62
C LEU A 195 -9.71 9.23 -4.88
N THR A 196 -9.94 9.98 -3.81
CA THR A 196 -10.23 11.40 -3.93
C THR A 196 -9.47 12.17 -2.85
N TYR A 197 -8.56 13.05 -3.26
CA TYR A 197 -7.79 13.88 -2.33
C TYR A 197 -8.53 15.19 -2.14
N VAL A 198 -8.84 15.55 -0.89
CA VAL A 198 -9.65 16.74 -0.64
C VAL A 198 -9.08 17.64 0.44
N LYS A 199 -9.37 18.92 0.29
CA LYS A 199 -9.21 19.93 1.32
C LYS A 199 -10.56 20.27 1.92
N GLY A 200 -10.53 20.78 3.14
CA GLY A 200 -11.72 21.27 3.80
C GLY A 200 -12.49 20.28 4.65
N MET A 201 -11.99 19.06 4.81
CA MET A 201 -12.69 18.08 5.63
C MET A 201 -12.51 18.44 7.10
N ALA A 202 -13.59 18.32 7.86
CA ALA A 202 -13.51 18.56 9.29
C ALA A 202 -12.51 17.58 9.91
N PRO A 203 -11.48 18.05 10.59
CA PRO A 203 -10.56 17.12 11.25
C PRO A 203 -11.27 16.23 12.25
N ARG A 204 -10.76 15.00 12.38
CA ARG A 204 -11.29 14.07 13.34
C ARG A 204 -10.83 14.48 14.73
N GLU A 205 -11.76 14.40 15.70
CA GLU A 205 -11.40 14.61 17.09
C GLU A 205 -11.79 13.40 17.93
N PRO A 206 -11.07 13.13 19.02
CA PRO A 206 -9.96 13.91 19.57
C PRO A 206 -8.59 13.46 19.09
N PHE A 207 -8.56 12.46 18.20
CA PHE A 207 -7.31 12.06 17.55
C PHE A 207 -7.63 11.68 16.11
N SER A 208 -6.61 11.77 15.26
CA SER A 208 -6.78 11.35 13.88
C SER A 208 -6.78 9.83 13.76
N ALA A 209 -7.37 9.34 12.67
CA ALA A 209 -7.50 7.91 12.48
C ALA A 209 -7.74 7.59 11.01
N VAL A 210 -7.43 6.36 10.65
CA VAL A 210 -7.99 5.74 9.46
C VAL A 210 -9.43 5.39 9.79
N CYS A 211 -10.38 6.17 9.30
CA CYS A 211 -11.80 5.92 9.59
C CYS A 211 -12.36 4.95 8.56
N MET A 212 -12.41 3.68 8.93
CA MET A 212 -12.88 2.64 8.01
C MET A 212 -14.38 2.44 8.17
N ASN A 213 -15.06 2.28 7.04
CA ASN A 213 -16.49 2.05 7.00
C ASN A 213 -16.73 0.80 6.17
N LEU A 214 -17.30 -0.21 6.80
CA LEU A 214 -17.59 -1.48 6.15
C LEU A 214 -19.09 -1.50 5.82
N ILE A 215 -19.40 -1.54 4.54
CA ILE A 215 -20.77 -1.54 4.03
C ILE A 215 -21.08 -2.97 3.57
N PRO A 216 -21.80 -3.75 4.37
CA PRO A 216 -21.92 -5.18 4.07
C PRO A 216 -22.49 -5.42 2.69
N GLY A 217 -21.83 -6.30 1.95
CA GLY A 217 -22.22 -6.67 0.60
C GLY A 217 -22.01 -5.60 -0.45
N VAL A 218 -21.44 -4.46 -0.09
CA VAL A 218 -21.30 -3.31 -0.99
C VAL A 218 -19.84 -2.89 -1.15
N GLY A 219 -19.14 -2.66 -0.05
CA GLY A 219 -17.78 -2.21 -0.19
C GLY A 219 -17.30 -1.51 1.06
N GLU A 220 -16.30 -0.64 0.88
CA GLU A 220 -15.59 -0.05 2.00
C GLU A 220 -15.23 1.38 1.65
N TYR A 221 -15.34 2.27 2.65
CA TYR A 221 -14.85 3.64 2.58
C TYR A 221 -13.87 3.88 3.73
N ALA A 222 -12.69 4.38 3.42
CA ALA A 222 -11.72 4.78 4.44
C ALA A 222 -11.23 6.19 4.16
N VAL A 223 -10.95 6.93 5.22
CA VAL A 223 -10.47 8.31 5.05
C VAL A 223 -9.50 8.65 6.17
N PHE A 224 -8.43 9.38 5.83
CA PHE A 224 -7.41 9.75 6.79
C PHE A 224 -6.63 10.95 6.25
N PRO A 225 -5.99 11.71 7.14
CA PRO A 225 -5.18 12.85 6.71
C PRO A 225 -3.85 12.43 6.11
N ALA A 226 -3.33 13.32 5.26
CA ALA A 226 -2.15 13.04 4.44
C ALA A 226 -1.49 14.36 4.06
N LEU A 227 -0.34 14.27 3.39
CA LEU A 227 0.36 15.42 2.86
C LEU A 227 0.45 15.29 1.35
N THR A 228 -0.03 16.32 0.64
CA THR A 228 0.14 16.34 -0.82
C THR A 228 0.81 17.62 -1.30
N THR A 229 0.81 17.86 -2.62
CA THR A 229 1.64 18.89 -3.20
C THR A 229 1.15 20.30 -2.88
N THR A 230 -0.11 20.44 -2.45
CA THR A 230 -0.65 21.71 -1.97
C THR A 230 -0.84 21.72 -0.44
N GLY A 231 -0.19 20.81 0.28
CA GLY A 231 -0.20 20.81 1.72
C GLY A 231 -1.03 19.70 2.29
N PRO A 232 -1.38 19.81 3.58
CA PRO A 232 -2.18 18.77 4.24
C PRO A 232 -3.55 18.62 3.62
N CYS A 233 -4.02 17.38 3.57
CA CYS A 233 -5.32 17.08 3.01
C CYS A 233 -5.86 15.87 3.74
N GLU A 234 -7.00 15.37 3.28
CA GLU A 234 -7.45 14.02 3.61
C GLU A 234 -7.63 13.25 2.31
N ILE A 235 -7.45 11.94 2.39
CA ILE A 235 -7.58 11.06 1.24
C ILE A 235 -8.77 10.18 1.50
N MET A 236 -9.73 10.22 0.56
CA MET A 236 -10.88 9.33 0.58
C MET A 236 -10.55 8.12 -0.28
N VAL A 237 -10.77 6.93 0.27
CA VAL A 237 -10.45 5.67 -0.39
C VAL A 237 -11.75 4.89 -0.51
N PHE A 238 -12.12 4.56 -1.75
CA PHE A 238 -13.36 3.84 -2.03
C PHE A 238 -13.04 2.48 -2.66
N GLU A 239 -13.66 1.43 -2.13
CA GLU A 239 -13.57 0.09 -2.72
C GLU A 239 -14.96 -0.49 -2.82
N GLY A 240 -15.33 -0.96 -3.99
CA GLY A 240 -16.67 -1.50 -4.24
C GLY A 240 -16.61 -2.94 -4.75
N VAL A 241 -17.47 -3.78 -4.18
CA VAL A 241 -17.67 -5.13 -4.73
C VAL A 241 -18.04 -4.94 -6.20
N PRO A 242 -17.40 -5.63 -7.16
CA PRO A 242 -17.70 -5.35 -8.58
C PRO A 242 -19.17 -5.62 -8.89
N GLY A 243 -19.77 -4.71 -9.64
CA GLY A 243 -21.18 -4.80 -9.99
C GLY A 243 -22.12 -4.25 -8.96
N GLY A 244 -21.61 -3.90 -7.78
CA GLY A 244 -22.45 -3.40 -6.71
C GLY A 244 -22.59 -1.90 -6.75
N PRO A 245 -23.27 -1.36 -5.75
CA PRO A 245 -23.57 0.07 -5.74
C PRO A 245 -22.36 0.97 -5.67
N MET A 246 -21.21 0.47 -5.16
CA MET A 246 -19.98 1.27 -5.11
C MET A 246 -19.04 0.96 -6.26
N ASP A 247 -19.48 0.17 -7.23
CA ASP A 247 -18.76 0.03 -8.50
C ASP A 247 -19.35 1.06 -9.46
N CYS A 248 -19.01 2.32 -9.21
CA CYS A 248 -19.79 3.45 -9.69
C CYS A 248 -18.92 4.54 -10.29
N TRP A 249 -17.83 4.18 -10.96
CA TRP A 249 -16.91 5.18 -11.49
C TRP A 249 -16.86 5.19 -13.02
N ALA A 250 -17.57 4.27 -13.69
CA ALA A 250 -17.46 4.18 -15.14
C ALA A 250 -17.94 5.45 -15.84
N ASP A 251 -19.02 6.04 -15.34
CA ASP A 251 -19.58 7.21 -15.99
C ASP A 251 -18.96 8.53 -15.54
N VAL A 252 -17.91 8.49 -14.73
CA VAL A 252 -17.30 9.69 -14.19
C VAL A 252 -16.21 10.13 -15.16
N LYS A 253 -16.36 11.33 -15.72
CA LYS A 253 -15.49 11.80 -16.80
C LYS A 253 -14.75 13.09 -16.51
N THR A 254 -15.06 13.80 -15.43
CA THR A 254 -14.39 15.05 -15.11
C THR A 254 -14.08 15.07 -13.63
N PRO A 255 -13.18 15.95 -13.17
CA PRO A 255 -12.90 16.04 -11.74
C PRO A 255 -14.11 16.44 -10.93
N GLU A 256 -14.94 17.33 -11.50
CA GLU A 256 -16.15 17.73 -10.82
C GLU A 256 -17.10 16.55 -10.62
N GLU A 257 -17.27 15.73 -11.66
CA GLU A 257 -18.11 14.54 -11.51
C GLU A 257 -17.52 13.58 -10.48
N HIS A 258 -16.20 13.50 -10.41
CA HIS A 258 -15.55 12.62 -9.46
C HIS A 258 -15.81 13.06 -8.02
N LEU A 259 -15.63 14.36 -7.75
CA LEU A 259 -15.96 14.88 -6.42
C LEU A 259 -17.43 14.62 -6.09
N ALA A 260 -18.32 14.86 -7.04
CA ALA A 260 -19.74 14.68 -6.80
C ALA A 260 -20.07 13.23 -6.47
N ARG A 261 -19.49 12.28 -7.21
CA ARG A 261 -19.75 10.87 -6.97
C ARG A 261 -19.18 10.46 -5.60
N SER A 262 -18.04 11.04 -5.20
CA SER A 262 -17.48 10.81 -3.87
C SER A 262 -18.46 11.22 -2.77
N LYS A 263 -19.01 12.43 -2.88
CA LYS A 263 -19.99 12.89 -1.90
C LYS A 263 -21.25 12.02 -1.92
N TRP A 264 -21.67 11.60 -3.12
CA TRP A 264 -22.86 10.75 -3.24
C TRP A 264 -22.69 9.46 -2.45
N ILE A 265 -21.53 8.82 -2.54
CA ILE A 265 -21.31 7.60 -1.78
C ILE A 265 -21.48 7.87 -0.28
N LEU A 266 -20.85 8.93 0.22
CA LEU A 266 -20.95 9.23 1.65
C LEU A 266 -22.40 9.54 2.05
N ASP A 267 -23.09 10.37 1.25
CA ASP A 267 -24.48 10.67 1.54
C ASP A 267 -25.33 9.41 1.59
N THR A 268 -25.06 8.45 0.70
CA THR A 268 -25.89 7.27 0.54
C THR A 268 -25.59 6.20 1.59
N PHE A 269 -24.30 5.98 1.92
CA PHE A 269 -23.92 4.84 2.75
C PHE A 269 -23.32 5.20 4.11
N THR A 270 -22.74 6.39 4.27
CA THR A 270 -22.08 6.78 5.51
C THR A 270 -22.39 8.25 5.81
N PRO A 271 -23.65 8.57 6.12
CA PRO A 271 -23.99 9.97 6.37
C PRO A 271 -23.27 10.59 7.54
N TRP A 272 -22.80 9.79 8.49
CA TRP A 272 -22.00 10.33 9.58
C TRP A 272 -20.68 10.91 9.09
N GLU A 273 -20.11 10.33 8.03
CA GLU A 273 -18.89 10.89 7.43
C GLU A 273 -19.23 12.09 6.55
N ALA A 274 -20.40 12.09 5.91
CA ALA A 274 -20.80 13.24 5.09
C ALA A 274 -20.87 14.52 5.91
N GLU A 275 -21.23 14.40 7.19
CA GLU A 275 -21.26 15.57 8.09
C GLU A 275 -19.92 16.28 8.16
N ARG A 276 -18.81 15.56 7.95
CA ARG A 276 -17.50 16.20 7.94
C ARG A 276 -17.16 16.84 6.61
N CYS A 277 -17.98 16.64 5.57
CA CYS A 277 -17.61 16.94 4.19
C CYS A 277 -18.46 18.03 3.55
N LYS A 278 -19.08 18.90 4.36
CA LYS A 278 -19.96 19.90 3.78
C LYS A 278 -19.23 20.86 2.85
N ASP A 279 -17.95 21.15 3.12
CA ASP A 279 -17.19 22.12 2.34
C ASP A 279 -15.92 21.54 1.68
N ILE A 280 -15.95 20.31 1.25
CA ILE A 280 -14.71 19.74 0.71
C ILE A 280 -14.55 20.17 -0.74
N GLU A 281 -13.30 20.33 -1.15
CA GLU A 281 -12.92 20.55 -2.54
C GLU A 281 -11.75 19.62 -2.86
N LEU A 282 -11.57 19.31 -4.14
CA LEU A 282 -10.36 18.59 -4.56
C LEU A 282 -9.13 19.40 -4.22
N THR A 283 -8.06 18.70 -3.80
CA THR A 283 -6.78 19.38 -3.64
C THR A 283 -6.30 19.97 -4.97
N ASP A 284 -6.59 19.28 -6.06
CA ASP A 284 -6.18 19.63 -7.41
C ASP A 284 -6.91 18.67 -8.34
N ASP A 285 -7.04 19.07 -9.63
CA ASP A 285 -7.83 18.25 -10.53
C ASP A 285 -7.24 16.87 -10.76
N ASN A 286 -5.95 16.68 -10.47
CA ASN A 286 -5.33 15.38 -10.61
C ASN A 286 -5.29 14.58 -9.31
N GLY A 287 -5.98 15.07 -8.28
CA GLY A 287 -6.04 14.37 -7.00
C GLY A 287 -7.11 13.30 -6.98
N ILE A 288 -7.29 12.59 -8.09
CA ILE A 288 -8.34 11.59 -8.25
C ILE A 288 -7.80 10.37 -9.00
N LEU A 289 -8.44 9.24 -8.76
CA LEU A 289 -8.04 8.00 -9.41
CA LEU A 289 -8.04 7.99 -9.40
C LEU A 289 -9.22 7.04 -9.39
N ALA A 290 -9.30 6.22 -10.44
CA ALA A 290 -10.27 5.13 -10.44
C ALA A 290 -9.67 4.00 -11.27
N GLY A 291 -9.85 2.77 -10.80
CA GLY A 291 -9.29 1.62 -11.49
C GLY A 291 -9.47 0.36 -10.68
N ARG A 292 -8.84 -0.71 -11.17
CA ARG A 292 -8.97 -2.00 -10.51
C ARG A 292 -7.89 -2.93 -11.04
N PHE A 293 -7.55 -3.94 -10.22
CA PHE A 293 -6.59 -4.95 -10.67
C PHE A 293 -6.76 -6.22 -9.87
N ALA A 294 -6.28 -7.33 -10.47
CA ALA A 294 -6.35 -8.59 -9.75
C ALA A 294 -5.14 -8.75 -8.84
N PRO A 295 -5.35 -9.10 -7.56
CA PRO A 295 -4.20 -9.44 -6.73
C PRO A 295 -3.38 -10.52 -7.41
N THR A 296 -2.06 -10.38 -7.38
CA THR A 296 -1.19 -11.30 -8.10
C THR A 296 0.13 -11.45 -7.38
N VAL A 297 0.61 -12.70 -7.29
CA VAL A 297 1.95 -13.02 -6.84
C VAL A 297 2.69 -13.64 -8.03
N ARG A 298 3.94 -13.26 -8.22
CA ARG A 298 4.74 -13.74 -9.33
C ARG A 298 6.02 -14.40 -8.83
N LYS A 299 6.60 -15.23 -9.70
CA LYS A 299 7.91 -15.81 -9.43
C LYS A 299 8.99 -14.75 -9.56
N PRO A 300 9.94 -14.70 -8.61
CA PRO A 300 10.84 -13.55 -8.53
C PRO A 300 11.95 -13.50 -9.56
N VAL A 301 12.30 -14.63 -10.20
CA VAL A 301 13.42 -14.69 -11.12
C VAL A 301 12.85 -14.79 -12.54
N ALA A 302 13.17 -13.81 -13.37
CA ALA A 302 12.79 -13.86 -14.79
C ALA A 302 14.04 -14.10 -15.63
N THR A 303 13.90 -14.95 -16.66
CA THR A 303 14.99 -15.27 -17.57
C THR A 303 14.77 -14.56 -18.90
N LEU A 304 15.75 -13.77 -19.30
CA LEU A 304 15.70 -13.00 -20.53
C LEU A 304 16.01 -13.91 -21.71
N PRO A 305 15.73 -13.45 -22.94
CA PRO A 305 16.13 -14.25 -24.12
C PRO A 305 17.58 -14.67 -24.13
N SER A 306 18.50 -13.81 -23.70
CA SER A 306 19.90 -14.19 -23.64
C SER A 306 20.16 -15.33 -22.68
N GLY A 307 19.25 -15.59 -21.75
CA GLY A 307 19.49 -16.49 -20.65
C GLY A 307 19.95 -15.82 -19.36
N ARG A 308 20.25 -14.53 -19.40
CA ARG A 308 20.58 -13.79 -18.20
C ARG A 308 19.31 -13.58 -17.39
N LYS A 309 19.48 -13.17 -16.13
CA LYS A 309 18.41 -13.22 -15.16
C LYS A 309 18.24 -11.88 -14.49
N VAL A 310 16.97 -11.56 -14.14
CA VAL A 310 16.63 -10.35 -13.40
C VAL A 310 15.73 -10.73 -12.21
N LEU A 311 15.75 -9.88 -11.19
CA LEU A 311 15.07 -10.11 -9.93
C LEU A 311 13.95 -9.08 -9.75
N GLY A 312 12.74 -9.54 -9.45
CA GLY A 312 11.63 -8.64 -9.22
C GLY A 312 11.52 -8.19 -7.78
N LEU A 313 11.03 -6.93 -7.61
CA LEU A 313 10.96 -6.23 -6.33
C LEU A 313 9.55 -5.69 -6.08
N ALA A 314 9.07 -5.89 -4.84
CA ALA A 314 7.84 -5.25 -4.34
C ALA A 314 6.64 -5.58 -5.23
N ASP A 315 5.89 -4.58 -5.73
CA ASP A 315 4.64 -4.89 -6.39
C ASP A 315 4.83 -5.76 -7.65
N VAL A 316 6.04 -5.83 -8.21
CA VAL A 316 6.28 -6.73 -9.34
C VAL A 316 6.02 -8.18 -8.96
N VAL A 317 6.38 -8.58 -7.74
CA VAL A 317 6.26 -9.96 -7.30
C VAL A 317 5.14 -10.20 -6.29
N VAL A 318 4.72 -9.19 -5.52
CA VAL A 318 3.60 -9.36 -4.60
C VAL A 318 2.73 -8.12 -4.70
N LEU A 319 1.57 -8.26 -5.33
CA LEU A 319 0.63 -7.16 -5.60
C LEU A 319 -0.69 -7.47 -4.92
N ASN A 320 -1.06 -6.66 -3.94
CA ASN A 320 -2.28 -6.87 -3.21
C ASN A 320 -3.28 -5.76 -3.47
N ASP A 321 -4.56 -6.09 -3.32
CA ASP A 321 -5.59 -5.05 -3.34
C ASP A 321 -5.36 -4.08 -2.18
N PRO A 322 -5.68 -2.80 -2.34
CA PRO A 322 -5.38 -1.82 -1.29
C PRO A 322 -6.30 -1.85 -0.08
N ILE A 323 -7.19 -2.84 0.03
CA ILE A 323 -8.18 -2.83 1.10
C ILE A 323 -7.53 -2.82 2.48
N THR A 324 -6.30 -3.34 2.62
CA THR A 324 -5.63 -3.37 3.93
C THR A 324 -4.55 -2.32 4.05
N GLY A 325 -4.34 -1.53 3.01
CA GLY A 325 -3.40 -0.42 3.02
C GLY A 325 -1.98 -0.87 3.25
N GLN A 326 -1.55 -1.88 2.50
CA GLN A 326 -0.28 -2.48 2.78
C GLN A 326 0.76 -2.41 1.67
N GLY A 327 0.42 -1.90 0.48
CA GLY A 327 1.37 -1.99 -0.63
C GLY A 327 2.64 -1.19 -0.39
N SER A 328 2.50 0.04 0.05
CA SER A 328 3.67 0.85 0.36
C SER A 328 4.42 0.34 1.58
N ASN A 329 3.68 -0.16 2.58
CA ASN A 329 4.33 -0.80 3.71
C ASN A 329 5.16 -2.00 3.21
N ASN A 330 4.54 -2.84 2.37
CA ASN A 330 5.24 -3.98 1.79
C ASN A 330 6.44 -3.52 1.01
N ALA A 331 6.30 -2.41 0.28
CA ALA A 331 7.39 -1.94 -0.57
C ALA A 331 8.60 -1.51 0.26
N ALA A 332 8.36 -0.82 1.38
CA ALA A 332 9.46 -0.44 2.26
C ALA A 332 10.10 -1.65 2.91
N LYS A 333 9.29 -2.60 3.36
CA LYS A 333 9.84 -3.78 4.02
C LYS A 333 10.51 -4.72 3.03
N CYS A 334 9.96 -4.84 1.82
CA CYS A 334 10.63 -5.61 0.77
C CYS A 334 12.00 -5.00 0.40
N ALA A 335 12.06 -3.68 0.19
CA ALA A 335 13.34 -3.07 -0.17
C ALA A 335 14.35 -3.20 0.97
N ASP A 336 13.87 -3.19 2.23
CA ASP A 336 14.78 -3.37 3.36
C ASP A 336 15.36 -4.77 3.36
N THR A 337 14.52 -5.78 3.17
CA THR A 337 15.00 -7.16 3.09
C THR A 337 15.97 -7.35 1.94
N TYR A 338 15.67 -6.80 0.77
CA TYR A 338 16.56 -6.97 -0.39
C TYR A 338 17.89 -6.23 -0.17
N LEU A 339 17.84 -5.01 0.37
CA LEU A 339 19.08 -4.31 0.69
C LEU A 339 19.93 -5.11 1.67
N LYS A 340 19.30 -5.64 2.73
CA LYS A 340 20.07 -6.42 3.69
C LYS A 340 20.69 -7.64 3.02
N SER A 341 19.96 -8.27 2.11
CA SER A 341 20.48 -9.44 1.43
C SER A 341 21.65 -9.07 0.53
N ILE A 342 21.53 -7.95 -0.18
CA ILE A 342 22.64 -7.52 -1.04
C ILE A 342 23.88 -7.23 -0.21
N LEU A 343 23.73 -6.48 0.90
CA LEU A 343 24.89 -6.13 1.70
C LEU A 343 25.55 -7.38 2.27
N ALA A 344 24.75 -8.38 2.67
CA ALA A 344 25.31 -9.61 3.24
C ALA A 344 26.03 -10.46 2.20
N ARG A 345 25.64 -10.35 0.94
CA ARG A 345 26.22 -11.18 -0.12
C ARG A 345 27.67 -10.80 -0.43
N GLY A 346 28.05 -9.54 -0.25
CA GLY A 346 29.41 -9.15 -0.56
C GLY A 346 29.73 -9.45 -2.01
N ASP A 347 30.84 -10.16 -2.24
CA ASP A 347 31.28 -10.52 -3.58
C ASP A 347 30.64 -11.80 -4.09
N GLY A 348 29.80 -12.46 -3.29
CA GLY A 348 29.12 -13.64 -3.74
C GLY A 348 28.37 -13.39 -5.04
N ALA A 349 28.19 -14.43 -5.84
CA ALA A 349 27.47 -14.30 -7.09
C ALA A 349 26.03 -13.89 -6.82
N ALA A 350 25.51 -12.97 -7.62
CA ALA A 350 24.07 -12.68 -7.62
C ALA A 350 23.41 -13.58 -8.67
N ASP A 351 23.32 -14.86 -8.31
CA ASP A 351 22.78 -15.83 -9.23
C ASP A 351 21.32 -16.09 -8.89
N ALA A 352 20.68 -16.92 -9.72
CA ALA A 352 19.25 -17.17 -9.55
C ALA A 352 18.95 -17.72 -8.16
N ALA A 353 19.84 -18.56 -7.62
CA ALA A 353 19.60 -19.10 -6.27
C ALA A 353 19.55 -18.00 -5.23
N TRP A 354 20.51 -17.08 -5.29
CA TRP A 354 20.50 -15.98 -4.33
C TRP A 354 19.26 -15.09 -4.52
N MET A 355 18.89 -14.82 -5.77
CA MET A 355 17.69 -14.03 -6.04
C MET A 355 16.47 -14.68 -5.42
N GLN A 356 16.31 -15.98 -5.67
CA GLN A 356 15.15 -16.69 -5.17
C GLN A 356 15.15 -16.70 -3.64
N GLN A 357 16.31 -16.95 -3.01
CA GLN A 357 16.35 -16.98 -1.55
C GLN A 357 16.01 -15.62 -0.94
N THR A 358 16.40 -14.56 -1.63
CA THR A 358 16.09 -13.21 -1.15
C THR A 358 14.57 -12.99 -1.13
N PHE A 359 13.91 -13.33 -2.22
CA PHE A 359 12.45 -13.26 -2.26
C PHE A 359 11.83 -14.19 -1.23
N ASP A 360 12.34 -15.42 -1.12
CA ASP A 360 11.75 -16.38 -0.21
C ASP A 360 11.72 -15.88 1.22
N ARG A 361 12.77 -15.21 1.66
CA ARG A 361 12.79 -14.66 3.01
CA ARG A 361 12.79 -14.66 3.01
C ARG A 361 11.70 -13.61 3.19
N TYR A 362 11.52 -12.76 2.18
CA TYR A 362 10.45 -11.79 2.21
C TYR A 362 9.08 -12.47 2.22
N TRP A 363 8.87 -13.43 1.31
CA TRP A 363 7.56 -14.07 1.16
C TRP A 363 7.21 -14.94 2.38
N PHE A 364 8.03 -15.95 2.67
CA PHE A 364 7.68 -16.87 3.76
C PHE A 364 7.80 -16.19 5.13
N GLY A 365 8.72 -15.24 5.28
CA GLY A 365 8.88 -14.56 6.54
C GLY A 365 7.82 -13.51 6.82
N TYR A 366 7.22 -12.95 5.78
CA TYR A 366 6.35 -11.80 5.99
C TYR A 366 5.20 -11.71 5.01
N ALA A 367 5.49 -11.60 3.71
CA ALA A 367 4.48 -11.16 2.77
C ALA A 367 3.36 -12.19 2.59
N GLN A 368 3.65 -13.48 2.81
CA GLN A 368 2.58 -14.47 2.68
C GLN A 368 1.46 -14.22 3.67
N TRP A 369 1.80 -13.66 4.83
CA TRP A 369 0.77 -13.43 5.84
C TRP A 369 -0.01 -12.15 5.52
N VAL A 370 0.68 -11.09 5.08
CA VAL A 370 -0.02 -9.90 4.60
C VAL A 370 -0.98 -10.28 3.48
N THR A 371 -0.52 -11.13 2.57
CA THR A 371 -1.29 -11.47 1.38
C THR A 371 -2.48 -12.35 1.74
N GLN A 372 -2.26 -13.35 2.59
CA GLN A 372 -3.38 -14.20 3.01
C GLN A 372 -4.45 -13.39 3.74
N TRP A 373 -4.04 -12.51 4.66
CA TRP A 373 -5.00 -11.65 5.37
C TRP A 373 -5.80 -10.80 4.39
N THR A 374 -5.10 -10.13 3.47
CA THR A 374 -5.80 -9.25 2.52
C THR A 374 -6.76 -10.04 1.64
N ASN A 375 -6.33 -11.20 1.14
CA ASN A 375 -7.20 -11.96 0.25
C ASN A 375 -8.41 -12.51 0.98
N MET A 376 -8.28 -12.81 2.27
CA MET A 376 -9.44 -13.20 3.04
C MET A 376 -10.43 -12.05 3.20
N LEU A 377 -9.91 -10.83 3.43
CA LEU A 377 -10.79 -9.69 3.64
C LEU A 377 -11.55 -9.32 2.39
N LEU A 378 -11.01 -9.68 1.21
CA LEU A 378 -11.70 -9.35 -0.03
C LEU A 378 -12.94 -10.21 -0.23
N ALA A 379 -12.95 -11.40 0.34
CA ALA A 379 -14.11 -12.27 0.30
C ALA A 379 -15.12 -11.90 1.37
N PRO A 380 -16.37 -12.35 1.22
CA PRO A 380 -17.39 -12.00 2.22
C PRO A 380 -17.01 -12.48 3.60
N PRO A 381 -17.25 -11.69 4.65
CA PRO A 381 -16.74 -12.04 5.99
C PRO A 381 -17.55 -13.18 6.59
N PRO A 382 -16.89 -14.23 7.07
CA PRO A 382 -17.60 -15.31 7.76
C PRO A 382 -18.12 -14.85 9.11
N PRO A 383 -19.03 -15.61 9.72
CA PRO A 383 -19.64 -15.15 10.98
C PRO A 383 -18.65 -14.84 12.08
N HIS A 384 -17.59 -15.64 12.25
CA HIS A 384 -16.66 -15.36 13.34
C HIS A 384 -15.93 -14.02 13.13
N VAL A 385 -15.81 -13.55 11.90
CA VAL A 385 -15.18 -12.26 11.67
C VAL A 385 -16.12 -11.13 12.06
N LEU A 386 -17.40 -11.23 11.69
CA LEU A 386 -18.36 -10.24 12.12
C LEU A 386 -18.44 -10.20 13.65
N ASN A 387 -18.32 -11.37 14.30
CA ASN A 387 -18.29 -11.40 15.75
C ASN A 387 -17.06 -10.71 16.31
N LEU A 388 -15.87 -10.93 15.70
CA LEU A 388 -14.68 -10.22 16.13
C LEU A 388 -14.87 -8.70 16.01
N LEU A 389 -15.38 -8.23 14.87
CA LEU A 389 -15.51 -6.79 14.67
C LEU A 389 -16.50 -6.17 15.65
N GLY A 390 -17.56 -6.89 15.99
CA GLY A 390 -18.49 -6.39 16.99
C GLY A 390 -17.90 -6.42 18.39
N SER A 391 -17.22 -7.51 18.73
CA SER A 391 -16.63 -7.63 20.05
C SER A 391 -15.58 -6.56 20.30
N ALA A 392 -14.88 -6.12 19.26
CA ALA A 392 -13.85 -5.11 19.44
C ALA A 392 -14.43 -3.80 19.98
N GLY A 393 -15.70 -3.54 19.70
CA GLY A 393 -16.32 -2.31 20.20
C GLY A 393 -16.57 -2.34 21.70
N ALA A 394 -16.60 -3.53 22.29
CA ALA A 394 -16.82 -3.68 23.72
C ALA A 394 -15.61 -4.24 24.46
N VAL A 395 -14.52 -4.51 23.74
CA VAL A 395 -13.32 -5.11 24.32
C VAL A 395 -12.10 -4.34 23.82
N PRO A 396 -11.68 -3.30 24.53
CA PRO A 396 -10.69 -2.37 23.96
C PRO A 396 -9.38 -3.04 23.61
N PRO A 397 -8.90 -4.04 24.38
CA PRO A 397 -7.66 -4.71 23.95
C PRO A 397 -7.78 -5.35 22.58
N LEU A 398 -8.96 -5.89 22.23
CA LEU A 398 -9.12 -6.47 20.91
C LEU A 398 -9.15 -5.39 19.84
N ALA A 399 -9.78 -4.24 20.12
CA ALA A 399 -9.68 -3.12 19.17
C ALA A 399 -8.23 -2.71 18.93
N SER A 400 -7.41 -2.70 20.00
CA SER A 400 -6.01 -2.32 19.84
C SER A 400 -5.25 -3.35 19.01
N ALA A 401 -5.54 -4.63 19.21
CA ALA A 401 -4.96 -5.68 18.38
C ALA A 401 -5.27 -5.46 16.91
N PHE A 402 -6.51 -5.07 16.59
CA PHE A 402 -6.86 -4.77 15.22
C PHE A 402 -6.07 -3.59 14.68
N ALA A 403 -6.06 -2.49 15.43
CA ALA A 403 -5.35 -1.30 14.98
C ALA A 403 -3.88 -1.60 14.73
N ASN A 404 -3.21 -2.16 15.71
CA ASN A 404 -1.77 -2.37 15.57
C ASN A 404 -1.40 -3.55 14.69
N GLY A 405 -2.34 -4.45 14.40
CA GLY A 405 -2.13 -5.46 13.39
C GLY A 405 -1.81 -4.87 12.02
N PHE A 406 -2.27 -3.65 11.75
CA PHE A 406 -1.95 -3.01 10.48
C PHE A 406 -0.46 -2.72 10.36
N ASP A 407 0.25 -2.65 11.50
CA ASP A 407 1.70 -2.45 11.46
C ASP A 407 2.45 -3.76 11.23
N ASP A 408 1.83 -4.89 11.50
CA ASP A 408 2.48 -6.18 11.30
C ASP A 408 1.38 -7.22 11.20
N PRO A 409 0.84 -7.48 10.00
CA PRO A 409 -0.33 -8.37 9.88
C PRO A 409 -0.05 -9.81 10.25
N ARG A 410 1.21 -10.19 10.51
CA ARG A 410 1.46 -11.51 11.09
C ARG A 410 0.70 -11.70 12.39
N THR A 411 0.45 -10.60 13.12
CA THR A 411 -0.12 -10.70 14.45
C THR A 411 -1.62 -11.04 14.41
N PHE A 412 -2.25 -11.10 13.22
CA PHE A 412 -3.64 -11.53 13.07
C PHE A 412 -3.80 -13.05 13.08
N PHE A 413 -2.72 -13.79 12.92
CA PHE A 413 -2.79 -15.24 12.78
C PHE A 413 -2.52 -15.93 14.09
N PRO A 414 -3.27 -16.98 14.46
CA PRO A 414 -4.31 -17.69 13.70
C PRO A 414 -5.73 -17.27 14.02
N TRP A 415 -5.89 -16.29 14.89
CA TRP A 415 -7.19 -16.01 15.47
C TRP A 415 -8.14 -15.28 14.53
N PHE A 416 -7.63 -14.55 13.54
CA PHE A 416 -8.56 -13.88 12.62
C PHE A 416 -9.22 -14.87 11.66
N ALA A 417 -8.50 -15.91 11.25
CA ALA A 417 -8.99 -16.78 10.18
C ALA A 417 -9.77 -17.98 10.68
N ASP A 418 -9.66 -18.32 11.96
CA ASP A 418 -10.28 -19.52 12.50
C ASP A 418 -11.27 -19.19 13.61
N ALA A 419 -12.48 -19.73 13.50
CA ALA A 419 -13.53 -19.39 14.46
C ALA A 419 -13.13 -19.77 15.87
N ALA A 420 -12.65 -20.98 16.07
CA ALA A 420 -12.35 -21.41 17.44
C ALA A 420 -11.20 -20.59 18.02
N GLU A 421 -10.17 -20.31 17.22
CA GLU A 421 -9.08 -19.47 17.73
C GLU A 421 -9.57 -18.05 17.98
N SER A 422 -10.48 -17.53 17.13
CA SER A 422 -11.00 -16.19 17.36
C SER A 422 -11.67 -16.10 18.74
N GLU A 423 -12.40 -17.14 19.15
CA GLU A 423 -13.09 -17.07 20.43
C GLU A 423 -12.10 -17.12 21.59
N ARG A 424 -11.02 -17.87 21.44
CA ARG A 424 -9.97 -17.88 22.46
C ARG A 424 -9.35 -16.50 22.59
N TYR A 425 -9.09 -15.82 21.46
CA TYR A 425 -8.41 -14.54 21.57
C TYR A 425 -9.34 -13.47 22.14
N ILE A 426 -10.64 -13.53 21.81
CA ILE A 426 -11.58 -12.62 22.42
C ILE A 426 -11.53 -12.78 23.95
N ALA A 427 -11.45 -14.02 24.41
CA ALA A 427 -11.38 -14.29 25.85
C ALA A 427 -10.12 -13.71 26.46
N THR A 428 -8.98 -13.90 25.79
CA THR A 428 -7.73 -13.34 26.28
C THR A 428 -7.84 -11.84 26.41
N CYS A 429 -8.38 -11.19 25.39
CA CYS A 429 -8.54 -9.74 25.41
C CYS A 429 -9.51 -9.29 26.51
N ALA A 430 -10.65 -9.99 26.66
CA ALA A 430 -11.61 -9.57 27.68
C ALA A 430 -11.06 -9.69 29.08
N ALA A 431 -10.20 -10.69 29.30
CA ALA A 431 -9.62 -10.92 30.63
C ALA A 431 -8.72 -9.78 31.10
N VAL A 432 -8.17 -8.98 30.21
CA VAL A 432 -7.29 -7.86 30.59
C VAL A 432 -7.93 -6.50 30.32
N ALA A 433 -9.20 -6.46 29.92
CA ALA A 433 -9.86 -5.20 29.61
C ALA A 433 -10.08 -4.37 30.84
C1 IKF B . -11.29 1.62 0.85
C2 IKF B . -10.03 1.12 1.11
C7 IKF B . -6.42 1.93 4.09
C6 IKF B . -8.23 0.45 2.72
C5 IKF B . -11.87 1.31 3.13
C4 IKF B . -10.60 0.84 3.40
C3 IKF B . -9.66 0.76 2.39
C11 IKF B . -6.07 0.90 6.21
C10 IKF B . -4.90 1.60 6.34
C9 IKF B . -4.51 2.48 5.37
C8 IKF B . -5.27 2.66 4.24
C12 IKF B . -6.86 1.07 5.08
C IKF B . -12.21 1.72 1.86
O IKF B . -6.33 1.86 1.44
S IKF B . -7.33 2.03 2.55
H1 IKF B . -11.55 1.93 -0.16
H2 IKF B . -9.32 1.01 0.28
H6 IKF B . -7.83 -0.32 2.05
H5 IKF B . -8.14 0.03 3.71
H4 IKF B . -12.60 1.37 3.93
H3 IKF B . -10.34 0.53 4.41
H10 IKF B . -6.40 0.20 6.98
H9 IKF B . -4.28 1.44 7.22
H8 IKF B . -3.59 3.05 5.50
H7 IKF B . -4.96 3.37 3.47
H11 IKF B . -7.79 0.53 4.99
H IKF B . -13.22 2.11 1.66
PA FAD C . 5.61 1.97 -7.57
O1A FAD C . 5.83 2.86 -6.38
O2A FAD C . 4.27 1.95 -8.31
O5B FAD C . 6.75 2.31 -8.60
C5B FAD C . 6.83 1.69 -9.89
C4B FAD C . 7.36 2.76 -10.83
O4B FAD C . 7.95 2.16 -12.01
C3B FAD C . 6.27 3.72 -11.35
O3B FAD C . 6.73 5.07 -11.29
C2B FAD C . 6.10 3.31 -12.81
O2B FAD C . 5.73 4.40 -13.66
C1B FAD C . 7.52 2.88 -13.15
N9A FAD C . 7.63 2.04 -14.33
C8A FAD C . 6.71 1.14 -14.80
N7A FAD C . 7.09 0.51 -15.89
C5A FAD C . 8.35 1.06 -16.16
C6A FAD C . 9.28 0.82 -17.18
N6A FAD C . 9.09 -0.06 -18.17
N1A FAD C . 10.43 1.53 -17.15
C2A FAD C . 10.63 2.41 -16.17
N3A FAD C . 9.82 2.72 -15.15
C4A FAD C . 8.69 2.00 -15.20
N1 FAD C . -0.16 1.16 0.05
C2 FAD C . -0.10 1.45 1.39
O2 FAD C . 0.81 1.04 2.14
N3 FAD C . -1.11 2.21 1.96
C4 FAD C . -2.19 2.72 1.32
O4 FAD C . -3.00 3.40 1.95
C4X FAD C . -2.25 2.39 -0.10
N5 FAD C . -3.25 2.84 -0.78
C5X FAD C . -3.29 2.53 -2.16
C6 FAD C . -4.37 3.01 -2.91
C7 FAD C . -4.46 2.73 -4.28
C7M FAD C . -5.64 3.25 -5.07
C8 FAD C . -3.47 1.96 -4.90
C8M FAD C . -3.54 1.64 -6.36
C9 FAD C . -2.38 1.49 -4.15
C9A FAD C . -2.30 1.77 -2.78
N10 FAD C . -1.22 1.33 -2.00
C10 FAD C . -1.17 1.60 -0.65
C1' FAD C . -0.13 0.50 -2.60
C2' FAD C . 1.15 1.32 -2.90
O2' FAD C . 0.84 2.54 -3.59
C3' FAD C . 2.07 0.50 -3.81
O3' FAD C . 2.03 -0.87 -3.41
C4' FAD C . 3.53 0.95 -3.87
O4' FAD C . 3.59 2.10 -4.70
C5' FAD C . 4.44 -0.15 -4.39
O5' FAD C . 5.75 0.40 -4.68
P FAD C . 6.63 -0.17 -5.87
O1P FAD C . 8.02 0.41 -5.73
O2P FAD C . 6.54 -1.67 -5.98
O3P FAD C . 5.91 0.46 -7.19
H51A FAD C . 5.98 1.40 -10.18
H52A FAD C . 7.42 0.96 -9.87
H4B FAD C . 8.03 3.25 -10.41
H3B FAD C . 5.49 3.58 -10.85
HO3A FAD C . 6.12 5.55 -11.04
H2B FAD C . 5.47 2.61 -12.88
HO2A FAD C . 4.92 4.32 -13.85
H1B FAD C . 8.07 3.64 -13.26
H8A FAD C . 5.91 0.98 -14.38
H61A FAD C . 9.72 -0.17 -18.77
H62A FAD C . 8.35 -0.50 -18.23
H2A FAD C . 11.43 2.88 -16.19
HN3 FAD C . -1.04 2.37 2.81
H6 FAD C . -4.95 3.49 -2.38
HM71 FAD C . -5.33 3.75 -5.80
HM72 FAD C . -6.17 3.80 -4.53
HM73 FAD C . -6.16 2.53 -5.39
HM81 FAD C . -3.09 2.31 -6.86
HM82 FAD C . -4.43 1.60 -6.63
HM83 FAD C . -3.12 0.82 -6.53
H9 FAD C . -2.06 0.80 -4.65
H1'1 FAD C . -0.45 0.13 -3.40
H1'2 FAD C . 0.08 -0.18 -2.00
H2' FAD C . 1.57 1.51 -2.09
HO2' FAD C . 1.46 2.73 -4.11
H3' FAD C . 1.72 0.55 -4.68
H4' FAD C . 3.83 1.19 -3.01
HO4' FAD C . 4.38 2.36 -4.75
H5'1 FAD C . 4.07 -0.52 -5.16
H5'2 FAD C . 4.52 -0.82 -3.74
C ACT D . 0.82 -11.69 -15.00
O ACT D . 0.07 -10.91 -14.34
OXT ACT D . 2.07 -11.88 -14.85
CH3 ACT D . 0.11 -12.56 -16.17
H1 ACT D . 0.52 -12.34 -17.02
H2 ACT D . 0.22 -13.50 -15.99
H3 ACT D . -0.84 -12.35 -16.20
C1 IKF E . -12.14 -1.10 5.32
C2 IKF E . -12.98 -1.83 6.14
C7 IKF E . -11.41 -5.16 8.89
C6 IKF E . -13.42 -3.74 7.69
C5 IKF E . -10.43 -2.73 5.62
C4 IKF E . -11.26 -3.45 6.45
C3 IKF E . -12.55 -3.00 6.73
C11 IKF E . -10.28 -3.85 10.52
C10 IKF E . -9.27 -4.79 10.57
C9 IKF E . -9.33 -5.91 9.78
C8 IKF E . -10.40 -6.10 8.93
C12 IKF E . -11.36 -4.03 9.68
C IKF E . -10.87 -1.56 5.06
O IKF E . -12.36 -5.90 6.52
S IKF E . -12.86 -5.47 7.87
H1 IKF E . -12.50 -0.17 4.88
H2 IKF E . -14.00 -1.46 6.33
H6 IKF E . -14.45 -3.69 7.35
H5 IKF E . -13.42 -3.22 8.65
H4 IKF E . -9.43 -3.10 5.41
H3 IKF E . -10.91 -4.39 6.89
H10 IKF E . -10.24 -2.96 11.15
H9 IKF E . -8.42 -4.64 11.25
H8 IKF E . -8.52 -6.64 9.81
H7 IKF E . -10.45 -7.00 8.30
H11 IKF E . -12.14 -3.27 9.62
H IKF E . -10.21 -0.99 4.41
#